data_6N12
#
_entry.id   6N12
#
_cell.length_a   82.815
_cell.length_b   82.815
_cell.length_c   209.021
_cell.angle_alpha   90.000
_cell.angle_beta   90.000
_cell.angle_gamma   120.000
#
_symmetry.space_group_name_H-M   'P 61'
#
loop_
_entity.id
_entity.type
_entity.pdbx_description
1 polymer Septin-7
2 non-polymer "GUANOSINE-5'-DIPHOSPHATE"
3 non-polymer 'MAGNESIUM ION'
4 water water
#
_entity_poly.entity_id   1
_entity_poly.type   'polypeptide(L)'
_entity_poly.pdbx_seq_one_letter_code
;MGSSHHHHHHSQDPGFEFTLMVVGESGLGKSTLINSLFLTDLYSPEYPGPSHRIKKTVQVEQSKVLIKEGGVQLLLTIVD
TPGFGDAVDNSNCWQPVIDYIDSKFEDYLNAESRVNRRQMPDNRVQCCLYFIAPSGHGLKPLDIEFMKRLHEKVNIIPLI
AKADTLTPEECQQFKKQIMKEIQEHKIKIYEFPETDDEEENKLVKKIKDRLPLAVVGSNTIIEVNGKRVRGRQYPWGVAE
VENGEHCDFTILRNMLIRTHMQDLKDVTNNVHYENYRSRKLAAVT
;
_entity_poly.pdbx_strand_id   A,B
#
loop_
_chem_comp.id
_chem_comp.type
_chem_comp.name
_chem_comp.formula
GDP RNA linking GUANOSINE-5'-DIPHOSPHATE 'C10 H15 N5 O11 P2'
MG non-polymer 'MAGNESIUM ION' 'Mg 2'
#
# COMPACT_ATOMS: atom_id res chain seq x y z
N PRO A 14 -11.79 -39.22 -11.18
CA PRO A 14 -10.35 -38.89 -11.13
C PRO A 14 -10.12 -37.41 -10.86
N GLY A 15 -10.66 -36.56 -11.72
CA GLY A 15 -10.58 -35.11 -11.61
C GLY A 15 -9.20 -34.62 -11.24
N PHE A 16 -9.17 -33.53 -10.46
CA PHE A 16 -7.93 -32.96 -9.96
C PHE A 16 -8.26 -31.92 -8.89
N GLU A 17 -7.54 -31.98 -7.77
CA GLU A 17 -7.76 -31.08 -6.65
C GLU A 17 -6.50 -30.26 -6.43
N PHE A 18 -6.67 -29.08 -5.85
CA PHE A 18 -5.55 -28.20 -5.56
C PHE A 18 -5.97 -27.20 -4.49
N THR A 19 -5.07 -26.96 -3.53
CA THR A 19 -5.33 -26.04 -2.44
C THR A 19 -4.38 -24.84 -2.56
N LEU A 20 -4.96 -23.66 -2.75
CA LEU A 20 -4.26 -22.42 -3.01
C LEU A 20 -4.59 -21.42 -1.91
N MET A 21 -3.56 -20.87 -1.29
CA MET A 21 -3.71 -19.87 -0.25
C MET A 21 -3.37 -18.51 -0.84
N VAL A 22 -4.11 -17.49 -0.42
CA VAL A 22 -3.90 -16.11 -0.84
C VAL A 22 -3.65 -15.25 0.41
N VAL A 23 -2.53 -14.53 0.42
CA VAL A 23 -2.17 -13.66 1.55
C VAL A 23 -1.79 -12.28 1.04
N GLY A 24 -2.35 -11.25 1.65
CA GLY A 24 -1.84 -9.90 1.47
C GLY A 24 -2.78 -8.87 2.06
N GLU A 25 -2.26 -7.64 2.17
CA GLU A 25 -3.10 -6.52 2.63
C GLU A 25 -4.39 -6.44 1.83
N SER A 26 -5.43 -5.95 2.49
CA SER A 26 -6.66 -5.63 1.80
C SER A 26 -6.43 -4.58 0.70
N GLY A 27 -7.23 -4.69 -0.36
CA GLY A 27 -7.19 -3.71 -1.40
C GLY A 27 -6.01 -3.82 -2.33
N LEU A 28 -5.41 -5.00 -2.46
CA LEU A 28 -4.30 -5.24 -3.39
C LEU A 28 -4.75 -5.93 -4.68
N GLY A 29 -6.05 -5.99 -4.94
CA GLY A 29 -6.54 -6.67 -6.11
C GLY A 29 -6.51 -8.18 -6.03
N LYS A 30 -6.49 -8.74 -4.81
CA LYS A 30 -6.36 -10.19 -4.64
C LYS A 30 -7.60 -10.92 -5.14
N SER A 31 -8.79 -10.50 -4.71
CA SER A 31 -10.01 -11.13 -5.21
C SER A 31 -10.10 -10.97 -6.73
N THR A 32 -9.76 -9.77 -7.23
CA THR A 32 -9.79 -9.53 -8.67
C THR A 32 -8.85 -10.47 -9.41
N LEU A 33 -7.62 -10.64 -8.90
CA LEU A 33 -6.68 -11.51 -9.60
C LEU A 33 -7.20 -12.95 -9.67
N ILE A 34 -7.84 -13.44 -8.60
CA ILE A 34 -8.36 -14.81 -8.63
C ILE A 34 -9.46 -14.93 -9.67
N ASN A 35 -10.38 -13.96 -9.68
CA ASN A 35 -11.40 -13.87 -10.70
C ASN A 35 -10.80 -13.88 -12.11
N SER A 36 -9.73 -13.11 -12.32
CA SER A 36 -9.13 -13.06 -13.64
C SER A 36 -8.56 -14.41 -14.05
N LEU A 37 -7.95 -15.13 -13.11
CA LEU A 37 -7.36 -16.44 -13.42
C LEU A 37 -8.39 -17.41 -13.96
N PHE A 38 -9.68 -17.19 -13.70
CA PHE A 38 -10.73 -18.09 -14.21
C PHE A 38 -11.73 -17.37 -15.11
N LEU A 39 -11.35 -16.23 -15.69
CA LEU A 39 -12.17 -15.52 -16.67
C LEU A 39 -13.58 -15.22 -16.15
N THR A 40 -13.82 -15.36 -14.85
CA THR A 40 -15.16 -15.20 -14.31
C THR A 40 -15.09 -14.47 -12.97
N ASP A 41 -16.14 -13.69 -12.68
CA ASP A 41 -16.22 -12.96 -11.42
C ASP A 41 -16.76 -13.90 -10.36
N LEU A 42 -15.84 -14.57 -9.65
CA LEU A 42 -16.20 -15.48 -8.57
C LEU A 42 -16.34 -14.79 -7.22
N TYR A 43 -15.76 -13.61 -7.02
CA TYR A 43 -15.82 -12.94 -5.73
C TYR A 43 -16.09 -11.46 -5.92
N SER A 44 -16.60 -10.83 -4.85
CA SER A 44 -16.78 -9.37 -4.76
C SER A 44 -17.72 -8.81 -5.83
N ARG A 53 -13.26 1.67 14.20
CA ARG A 53 -12.36 1.82 15.35
C ARG A 53 -12.22 0.53 16.16
N ILE A 54 -12.64 -0.60 15.59
CA ILE A 54 -12.60 -1.91 16.25
C ILE A 54 -11.49 -2.76 15.64
N LYS A 55 -10.75 -3.48 16.50
CA LYS A 55 -9.59 -4.23 16.07
C LYS A 55 -10.01 -5.54 15.40
N LYS A 56 -9.28 -5.92 14.37
CA LYS A 56 -9.62 -7.11 13.58
C LYS A 56 -8.42 -8.05 13.53
N THR A 57 -8.71 -9.34 13.61
CA THR A 57 -7.71 -10.39 13.67
C THR A 57 -7.69 -11.14 12.36
N VAL A 58 -6.54 -11.75 12.04
CA VAL A 58 -6.46 -12.60 10.86
C VAL A 58 -7.33 -13.83 11.08
N GLN A 59 -8.36 -13.97 10.25
CA GLN A 59 -9.15 -15.19 10.20
C GLN A 59 -8.83 -15.95 8.91
N VAL A 60 -8.66 -17.25 9.03
CA VAL A 60 -8.40 -18.10 7.87
C VAL A 60 -9.74 -18.66 7.43
N GLU A 61 -10.03 -18.53 6.14
CA GLU A 61 -11.32 -18.93 5.59
C GLU A 61 -11.04 -19.71 4.32
N GLN A 62 -12.02 -20.49 3.91
CA GLN A 62 -11.85 -21.24 2.67
C GLN A 62 -13.18 -21.36 1.96
N SER A 63 -13.10 -21.45 0.65
CA SER A 63 -14.26 -21.78 -0.17
C SER A 63 -13.74 -22.58 -1.34
N LYS A 64 -14.66 -23.23 -2.04
CA LYS A 64 -14.31 -24.17 -3.10
C LYS A 64 -14.70 -23.60 -4.45
N VAL A 65 -13.90 -23.89 -5.47
CA VAL A 65 -14.21 -23.52 -6.84
C VAL A 65 -14.07 -24.76 -7.71
N LEU A 66 -15.16 -25.17 -8.32
CA LEU A 66 -15.18 -26.38 -9.13
C LEU A 66 -15.37 -25.96 -10.59
N ILE A 67 -14.38 -26.29 -11.42
CA ILE A 67 -14.40 -25.99 -12.85
C ILE A 67 -14.61 -27.31 -13.56
N LYS A 68 -15.71 -27.42 -14.28
CA LYS A 68 -16.07 -28.66 -14.95
C LYS A 68 -16.21 -28.30 -16.43
N GLU A 69 -15.17 -28.63 -17.21
CA GLU A 69 -15.16 -28.39 -18.64
C GLU A 69 -14.99 -29.73 -19.34
N GLY A 70 -15.91 -30.06 -20.23
CA GLY A 70 -15.89 -31.37 -20.84
C GLY A 70 -16.20 -32.42 -19.79
N GLY A 71 -15.34 -33.43 -19.70
CA GLY A 71 -15.54 -34.50 -18.75
C GLY A 71 -14.71 -34.43 -17.48
N VAL A 72 -13.90 -33.39 -17.30
CA VAL A 72 -12.93 -33.34 -16.21
C VAL A 72 -13.26 -32.19 -15.27
N GLN A 73 -13.03 -32.43 -13.99
CA GLN A 73 -13.26 -31.46 -12.93
C GLN A 73 -11.94 -31.01 -12.35
N LEU A 74 -11.84 -29.71 -12.07
CA LEU A 74 -10.75 -29.18 -11.27
C LEU A 74 -11.40 -28.60 -10.02
N LEU A 75 -11.15 -29.23 -8.88
CA LEU A 75 -11.76 -28.82 -7.61
C LEU A 75 -10.72 -28.03 -6.83
N LEU A 76 -10.91 -26.73 -6.77
CA LEU A 76 -9.93 -25.82 -6.19
C LEU A 76 -10.41 -25.37 -4.82
N THR A 77 -9.56 -25.49 -3.82
CA THR A 77 -9.84 -24.87 -2.53
C THR A 77 -9.04 -23.57 -2.42
N ILE A 78 -9.73 -22.46 -2.17
CA ILE A 78 -9.07 -21.17 -1.97
C ILE A 78 -9.11 -20.82 -0.48
N VAL A 79 -7.94 -20.70 0.10
CA VAL A 79 -7.79 -20.41 1.52
C VAL A 79 -7.39 -18.94 1.63
N ASP A 80 -8.31 -18.12 2.14
CA ASP A 80 -8.07 -16.70 2.31
C ASP A 80 -7.70 -16.38 3.75
N THR A 81 -7.11 -15.21 3.93
CA THR A 81 -6.62 -14.75 5.22
C THR A 81 -7.01 -13.29 5.43
N PRO A 82 -8.31 -12.98 5.40
CA PRO A 82 -8.72 -11.58 5.58
C PRO A 82 -8.22 -11.04 6.91
N GLY A 83 -7.83 -9.77 6.90
CA GLY A 83 -7.24 -9.11 8.06
C GLY A 83 -5.73 -9.06 8.04
N PHE A 84 -5.08 -9.86 7.19
CA PHE A 84 -3.61 -9.89 7.20
C PHE A 84 -3.05 -8.51 6.84
N GLY A 85 -2.21 -7.97 7.72
CA GLY A 85 -1.47 -6.77 7.40
C GLY A 85 -2.33 -5.53 7.41
N ASP A 86 -3.58 -5.63 7.89
CA ASP A 86 -4.50 -4.50 7.77
C ASP A 86 -4.65 -3.71 9.06
N ALA A 87 -4.19 -4.21 10.19
CA ALA A 87 -4.43 -3.54 11.45
C ALA A 87 -3.29 -2.56 11.74
N VAL A 88 -3.53 -1.68 12.72
CA VAL A 88 -2.45 -0.84 13.24
C VAL A 88 -1.32 -1.72 13.79
N ASP A 89 -1.67 -2.76 14.54
CA ASP A 89 -0.70 -3.67 15.16
C ASP A 89 -0.86 -5.03 14.49
N ASN A 90 0.11 -5.38 13.63
CA ASN A 90 0.07 -6.64 12.91
C ASN A 90 0.99 -7.69 13.52
N SER A 91 1.45 -7.48 14.75
CA SER A 91 2.29 -8.47 15.44
C SER A 91 1.72 -9.88 15.29
N ASN A 92 2.60 -10.81 14.93
CA ASN A 92 2.27 -12.23 14.89
C ASN A 92 1.08 -12.53 14.00
N CYS A 93 0.80 -11.67 13.00
CA CYS A 93 -0.31 -12.00 12.10
C CYS A 93 0.02 -13.17 11.19
N TRP A 94 1.28 -13.60 11.12
CA TRP A 94 1.64 -14.85 10.43
C TRP A 94 1.19 -16.08 11.21
N GLN A 95 1.01 -15.98 12.53
CA GLN A 95 0.76 -17.18 13.32
C GLN A 95 -0.53 -17.91 12.91
N PRO A 96 -1.66 -17.24 12.65
CA PRO A 96 -2.85 -18.01 12.23
C PRO A 96 -2.65 -18.71 10.90
N VAL A 97 -1.76 -18.20 10.05
CA VAL A 97 -1.44 -18.86 8.80
C VAL A 97 -0.58 -20.09 9.05
N ILE A 98 0.45 -19.94 9.90
CA ILE A 98 1.23 -21.09 10.34
C ILE A 98 0.33 -22.16 10.96
N ASP A 99 -0.53 -21.75 11.92
CA ASP A 99 -1.37 -22.71 12.61
C ASP A 99 -2.20 -23.53 11.64
N TYR A 100 -2.75 -22.86 10.62
CA TYR A 100 -3.61 -23.56 9.68
C TYR A 100 -2.80 -24.57 8.87
N ILE A 101 -1.66 -24.14 8.33
CA ILE A 101 -0.84 -24.99 7.48
C ILE A 101 -0.32 -26.18 8.25
N ASP A 102 0.24 -25.93 9.42
CA ASP A 102 0.79 -27.03 10.20
C ASP A 102 -0.31 -27.98 10.68
N SER A 103 -1.54 -27.49 10.90
CA SER A 103 -2.58 -28.41 11.32
C SER A 103 -2.96 -29.37 10.19
N LYS A 104 -2.91 -28.91 8.94
CA LYS A 104 -3.15 -29.81 7.82
C LYS A 104 -2.04 -30.85 7.73
N PHE A 105 -0.80 -30.44 7.96
CA PHE A 105 0.27 -31.43 8.10
C PHE A 105 -0.05 -32.42 9.22
N GLU A 106 -0.49 -31.91 10.38
CA GLU A 106 -0.80 -32.80 11.50
C GLU A 106 -1.95 -33.75 11.17
N ASP A 107 -2.97 -33.26 10.45
CA ASP A 107 -4.07 -34.14 10.02
C ASP A 107 -3.55 -35.23 9.10
N TYR A 108 -2.72 -34.85 8.13
CA TYR A 108 -2.22 -35.82 7.16
C TYR A 108 -1.34 -36.85 7.86
N LEU A 109 -0.50 -36.42 8.80
CA LEU A 109 0.33 -37.34 9.53
C LEU A 109 -0.51 -38.35 10.31
N ASN A 110 -1.56 -37.88 10.98
CA ASN A 110 -2.40 -38.79 11.75
C ASN A 110 -3.21 -39.73 10.87
N ALA A 111 -3.61 -39.27 9.68
CA ALA A 111 -4.41 -40.12 8.80
C ALA A 111 -3.58 -41.25 8.20
N GLU A 112 -2.35 -40.97 7.80
CA GLU A 112 -1.51 -42.01 7.22
C GLU A 112 -0.89 -42.90 8.29
N SER A 113 -1.05 -42.57 9.57
CA SER A 113 -0.61 -43.42 10.67
C SER A 113 -1.66 -44.41 11.13
N ARG A 114 -2.92 -44.26 10.69
CA ARG A 114 -3.97 -45.20 11.08
C ARG A 114 -3.69 -46.58 10.50
N VAL A 115 -4.16 -47.62 11.21
CA VAL A 115 -4.05 -48.99 10.71
C VAL A 115 -4.80 -49.15 9.41
N ASN A 116 -6.00 -48.58 9.32
CA ASN A 116 -6.79 -48.57 8.10
C ASN A 116 -6.85 -47.13 7.60
N ARG A 117 -6.10 -46.86 6.53
CA ARG A 117 -5.92 -45.51 6.04
C ARG A 117 -6.49 -45.35 4.63
N ARG A 118 -7.46 -46.20 4.29
CA ARG A 118 -8.13 -46.23 3.00
C ARG A 118 -8.61 -44.85 2.54
N GLN A 119 -9.62 -44.29 3.20
CA GLN A 119 -10.06 -42.94 2.85
C GLN A 119 -9.02 -41.95 3.36
N MET A 120 -8.48 -41.13 2.46
CA MET A 120 -7.30 -40.32 2.78
C MET A 120 -7.46 -38.87 2.34
N PRO A 121 -8.07 -38.03 3.18
CA PRO A 121 -8.14 -36.60 2.86
C PRO A 121 -6.76 -35.96 2.77
N ASP A 122 -6.60 -35.05 1.83
CA ASP A 122 -5.37 -34.26 1.71
C ASP A 122 -5.74 -32.77 1.62
N ASN A 123 -5.65 -32.07 2.75
CA ASN A 123 -5.95 -30.65 2.81
C ASN A 123 -4.71 -29.79 2.95
N ARG A 124 -3.54 -30.35 2.66
CA ARG A 124 -2.31 -29.56 2.80
C ARG A 124 -2.29 -28.40 1.81
N VAL A 125 -1.82 -27.24 2.28
CA VAL A 125 -1.78 -26.06 1.41
C VAL A 125 -0.60 -26.21 0.44
N GLN A 126 -0.89 -26.16 -0.84
CA GLN A 126 0.06 -26.52 -1.87
C GLN A 126 0.69 -25.32 -2.55
N CYS A 127 0.16 -24.12 -2.33
CA CYS A 127 0.71 -22.91 -2.91
C CYS A 127 0.18 -21.72 -2.11
N CYS A 128 0.99 -20.68 -2.02
CA CYS A 128 0.62 -19.46 -1.31
C CYS A 128 1.06 -18.27 -2.14
N LEU A 129 0.08 -17.53 -2.67
CA LEU A 129 0.36 -16.28 -3.37
C LEU A 129 0.49 -15.16 -2.33
N TYR A 130 1.66 -14.54 -2.26
CA TYR A 130 1.89 -13.43 -1.34
C TYR A 130 1.93 -12.13 -2.13
N PHE A 131 0.94 -11.26 -1.90
CA PHE A 131 0.80 -10.02 -2.67
C PHE A 131 1.59 -8.89 -2.04
N ILE A 132 2.52 -8.32 -2.79
CA ILE A 132 3.38 -7.22 -2.34
C ILE A 132 2.82 -5.90 -2.86
N ALA A 133 2.56 -4.96 -1.95
CA ALA A 133 2.08 -3.64 -2.34
C ALA A 133 3.11 -2.97 -3.23
N PRO A 134 2.65 -2.29 -4.43
CA PRO A 134 3.63 -1.71 -5.39
C PRO A 134 4.20 -0.37 -4.92
N SER A 135 4.96 -0.39 -3.83
CA SER A 135 5.50 0.86 -3.31
C SER A 135 6.54 1.48 -4.24
N GLY A 136 7.30 0.65 -4.95
CA GLY A 136 8.43 1.11 -5.71
C GLY A 136 9.74 1.19 -4.96
N HIS A 137 9.76 0.79 -3.69
CA HIS A 137 11.00 0.78 -2.94
C HIS A 137 11.54 -0.64 -2.82
N GLY A 138 11.17 -1.33 -1.75
CA GLY A 138 11.55 -2.72 -1.53
C GLY A 138 10.44 -3.44 -0.79
N LEU A 139 10.79 -4.51 -0.10
CA LEU A 139 9.84 -5.22 0.74
C LEU A 139 9.59 -4.43 2.03
N LYS A 140 8.39 -4.58 2.59
CA LYS A 140 8.13 -4.03 3.92
C LYS A 140 8.54 -5.03 5.00
N PRO A 141 8.79 -4.56 6.23
CA PRO A 141 9.18 -5.50 7.30
C PRO A 141 8.24 -6.68 7.45
N LEU A 142 6.94 -6.45 7.30
CA LEU A 142 5.97 -7.52 7.45
C LEU A 142 6.11 -8.56 6.33
N ASP A 143 6.46 -8.12 5.12
CA ASP A 143 6.71 -9.07 4.03
C ASP A 143 7.89 -9.98 4.37
N ILE A 144 8.98 -9.40 4.85
CA ILE A 144 10.16 -10.19 5.21
C ILE A 144 9.79 -11.18 6.29
N GLU A 145 9.11 -10.72 7.34
CA GLU A 145 8.71 -11.59 8.44
C GLU A 145 7.85 -12.74 7.95
N PHE A 146 6.82 -12.44 7.16
CA PHE A 146 5.94 -13.51 6.70
C PHE A 146 6.71 -14.55 5.89
N MET A 147 7.42 -14.09 4.86
CA MET A 147 8.12 -15.03 3.97
C MET A 147 9.17 -15.81 4.71
N LYS A 148 9.95 -15.13 5.56
CA LYS A 148 10.97 -15.82 6.34
C LYS A 148 10.35 -16.86 7.28
N ARG A 149 9.11 -16.66 7.72
CA ARG A 149 8.49 -17.56 8.69
C ARG A 149 7.64 -18.67 8.05
N LEU A 150 7.31 -18.55 6.76
CA LEU A 150 6.50 -19.56 6.10
C LEU A 150 7.18 -20.28 4.94
N HIS A 151 8.37 -19.84 4.52
CA HIS A 151 8.92 -20.34 3.27
C HIS A 151 9.27 -21.82 3.30
N GLU A 152 9.43 -22.43 4.48
CA GLU A 152 9.68 -23.87 4.65
C GLU A 152 8.42 -24.65 4.99
N LYS A 153 7.28 -23.98 5.07
CA LYS A 153 6.01 -24.63 5.32
C LYS A 153 5.11 -24.68 4.08
N VAL A 154 5.34 -23.84 3.08
CA VAL A 154 4.45 -23.73 1.94
C VAL A 154 5.25 -23.14 0.78
N ASN A 155 4.83 -23.48 -0.44
CA ASN A 155 5.38 -22.87 -1.65
C ASN A 155 4.88 -21.43 -1.74
N ILE A 156 5.78 -20.48 -1.53
CA ILE A 156 5.43 -19.06 -1.62
C ILE A 156 5.73 -18.58 -3.03
N ILE A 157 4.74 -18.04 -3.71
CA ILE A 157 4.97 -17.29 -4.94
C ILE A 157 4.75 -15.82 -4.62
N PRO A 158 5.79 -14.98 -4.59
CA PRO A 158 5.58 -13.55 -4.36
C PRO A 158 5.06 -12.87 -5.61
N LEU A 159 4.12 -11.95 -5.43
CA LEU A 159 3.51 -11.22 -6.54
C LEU A 159 3.51 -9.73 -6.24
N ILE A 160 3.96 -8.94 -7.21
CA ILE A 160 3.79 -7.50 -7.13
C ILE A 160 2.35 -7.17 -7.52
N ALA A 161 1.58 -6.64 -6.57
CA ALA A 161 0.18 -6.34 -6.82
C ALA A 161 0.05 -5.05 -7.64
N LYS A 162 -1.08 -4.92 -8.34
CA LYS A 162 -1.46 -3.71 -9.09
C LYS A 162 -0.26 -3.15 -9.85
N ALA A 163 0.31 -3.99 -10.71
CA ALA A 163 1.58 -3.61 -11.34
C ALA A 163 1.42 -2.50 -12.37
N ASP A 164 0.18 -2.07 -12.69
CA ASP A 164 0.00 -0.87 -13.51
C ASP A 164 0.30 0.41 -12.75
N THR A 165 0.66 0.27 -11.47
CA THR A 165 1.10 1.35 -10.60
C THR A 165 2.53 1.75 -10.89
N LEU A 166 3.25 0.95 -11.67
CA LEU A 166 4.68 1.12 -11.85
C LEU A 166 5.01 1.35 -13.31
N THR A 167 5.84 2.34 -13.59
CA THR A 167 6.38 2.43 -14.92
C THR A 167 7.32 1.24 -15.13
N PRO A 168 7.68 0.95 -16.38
CA PRO A 168 8.61 -0.19 -16.60
C PRO A 168 9.92 -0.02 -15.85
N GLU A 169 10.57 1.14 -15.96
CA GLU A 169 11.78 1.40 -15.17
C GLU A 169 11.53 1.14 -13.69
N GLU A 170 10.49 1.73 -13.11
CA GLU A 170 10.20 1.52 -11.69
C GLU A 170 9.99 0.04 -11.40
N CYS A 171 9.24 -0.65 -12.26
CA CYS A 171 8.95 -2.06 -12.04
C CYS A 171 10.22 -2.90 -12.01
N GLN A 172 11.11 -2.68 -13.00
CA GLN A 172 12.37 -3.42 -13.03
C GLN A 172 13.20 -3.14 -11.79
N GLN A 173 13.32 -1.88 -11.41
CA GLN A 173 14.05 -1.51 -10.20
C GLN A 173 13.46 -2.19 -8.97
N PHE A 174 12.13 -2.20 -8.87
CA PHE A 174 11.45 -2.77 -7.72
C PHE A 174 11.59 -4.30 -7.66
N LYS A 175 11.49 -4.97 -8.81
CA LYS A 175 11.73 -6.41 -8.84
C LYS A 175 13.13 -6.72 -8.36
N LYS A 176 14.13 -6.00 -8.89
CA LYS A 176 15.51 -6.28 -8.52
C LYS A 176 15.74 -6.02 -7.04
N GLN A 177 15.10 -4.98 -6.48
CA GLN A 177 15.31 -4.69 -5.07
C GLN A 177 14.71 -5.79 -4.20
N ILE A 178 13.51 -6.24 -4.56
CA ILE A 178 12.85 -7.31 -3.82
C ILE A 178 13.68 -8.58 -3.82
N MET A 179 14.17 -8.98 -5.00
CA MET A 179 14.98 -10.19 -5.07
C MET A 179 16.29 -10.07 -4.28
N LYS A 180 16.89 -8.87 -4.25
CA LYS A 180 18.07 -8.70 -3.40
C LYS A 180 17.73 -8.99 -1.95
N GLU A 181 16.57 -8.54 -1.49
CA GLU A 181 16.23 -8.69 -0.08
C GLU A 181 15.85 -10.13 0.26
N ILE A 182 15.13 -10.79 -0.65
CA ILE A 182 14.83 -12.21 -0.49
C ILE A 182 16.12 -13.01 -0.34
N GLN A 183 17.12 -12.70 -1.17
CA GLN A 183 18.42 -13.34 -1.02
C GLN A 183 19.08 -12.95 0.29
N GLU A 184 19.03 -11.65 0.63
CA GLU A 184 19.67 -11.17 1.85
C GLU A 184 19.14 -11.92 3.06
N HIS A 185 17.82 -12.09 3.15
CA HIS A 185 17.21 -12.79 4.26
C HIS A 185 17.10 -14.28 4.02
N LYS A 186 17.86 -14.80 3.07
CA LYS A 186 17.86 -16.20 2.65
C LYS A 186 16.45 -16.78 2.68
N ILE A 187 15.53 -16.10 2.02
CA ILE A 187 14.17 -16.60 1.85
C ILE A 187 14.15 -17.53 0.64
N LYS A 188 13.45 -18.64 0.76
CA LYS A 188 13.35 -19.63 -0.31
C LYS A 188 11.93 -19.63 -0.86
N ILE A 189 11.73 -18.92 -1.98
CA ILE A 189 10.43 -18.90 -2.65
C ILE A 189 10.34 -20.11 -3.57
N TYR A 190 9.16 -20.36 -4.13
CA TYR A 190 8.93 -21.59 -4.86
C TYR A 190 9.75 -21.61 -6.15
N GLU A 191 10.45 -22.72 -6.36
CA GLU A 191 11.30 -22.93 -7.52
C GLU A 191 10.44 -23.38 -8.71
N PHE A 192 10.16 -22.46 -9.62
CA PHE A 192 9.42 -22.84 -10.83
C PHE A 192 10.33 -23.63 -11.77
N PRO A 193 9.95 -24.85 -12.18
CA PRO A 193 10.71 -25.65 -13.14
C PRO A 193 10.19 -25.53 -14.56
N LYS A 206 13.94 -20.24 -17.47
CA LYS A 206 12.74 -19.79 -18.19
C LYS A 206 11.99 -18.74 -17.38
N ILE A 207 12.23 -17.47 -17.72
CA ILE A 207 11.53 -16.33 -17.12
C ILE A 207 11.78 -16.26 -15.62
N LYS A 208 12.89 -16.85 -15.16
CA LYS A 208 13.27 -16.73 -13.76
C LYS A 208 13.91 -15.39 -13.45
N ASP A 209 14.40 -14.68 -14.46
CA ASP A 209 15.03 -13.39 -14.25
C ASP A 209 14.02 -12.25 -14.06
N ARG A 210 12.74 -12.48 -14.36
CA ARG A 210 11.73 -11.44 -14.22
C ARG A 210 10.85 -11.62 -12.98
N LEU A 211 11.44 -12.11 -11.89
CA LEU A 211 10.75 -12.30 -10.62
C LEU A 211 10.91 -11.11 -9.66
N PRO A 212 9.91 -10.89 -8.80
CA PRO A 212 8.64 -11.60 -8.76
C PRO A 212 7.73 -11.19 -9.89
N LEU A 213 6.80 -12.07 -10.24
CA LEU A 213 5.80 -11.74 -11.23
C LEU A 213 5.03 -10.51 -10.77
N ALA A 214 4.81 -9.58 -11.70
CA ALA A 214 4.06 -8.35 -11.43
C ALA A 214 2.77 -8.44 -12.21
N VAL A 215 1.65 -8.43 -11.51
CA VAL A 215 0.38 -8.79 -12.11
C VAL A 215 -0.55 -7.60 -12.15
N VAL A 216 -1.50 -7.68 -13.06
CA VAL A 216 -2.62 -6.75 -13.18
C VAL A 216 -3.86 -7.62 -13.32
N GLY A 217 -4.95 -7.19 -12.69
CA GLY A 217 -6.16 -7.98 -12.68
C GLY A 217 -7.33 -7.19 -13.19
N SER A 218 -8.19 -7.86 -13.97
CA SER A 218 -9.43 -7.29 -14.48
C SER A 218 -10.16 -8.31 -15.33
N ASN A 219 -11.48 -8.42 -15.15
CA ASN A 219 -12.31 -9.11 -16.15
C ASN A 219 -13.14 -8.12 -16.98
N THR A 220 -12.85 -6.83 -16.90
CA THR A 220 -13.56 -5.84 -17.70
C THR A 220 -13.07 -5.90 -19.14
N ILE A 221 -13.99 -5.90 -20.09
CA ILE A 221 -13.66 -5.99 -21.50
C ILE A 221 -13.71 -4.59 -22.11
N ILE A 222 -12.60 -4.19 -22.73
CA ILE A 222 -12.51 -2.91 -23.43
C ILE A 222 -12.00 -3.18 -24.84
N GLU A 223 -12.57 -2.48 -25.81
CA GLU A 223 -12.09 -2.58 -27.18
C GLU A 223 -10.90 -1.65 -27.33
N VAL A 224 -9.73 -2.20 -27.60
CA VAL A 224 -8.52 -1.40 -27.84
C VAL A 224 -8.07 -1.67 -29.27
N ASN A 225 -8.11 -0.64 -30.10
CA ASN A 225 -7.55 -0.68 -31.45
C ASN A 225 -8.13 -1.87 -32.23
N GLY A 226 -9.43 -2.11 -32.06
CA GLY A 226 -10.15 -3.12 -32.80
C GLY A 226 -10.29 -4.46 -32.07
N LYS A 227 -9.29 -4.85 -31.29
CA LYS A 227 -9.31 -6.13 -30.59
C LYS A 227 -9.86 -5.94 -29.18
N ARG A 228 -10.78 -6.83 -28.79
CA ARG A 228 -11.38 -6.78 -27.47
C ARG A 228 -10.50 -7.53 -26.48
N VAL A 229 -10.09 -6.85 -25.40
CA VAL A 229 -9.19 -7.43 -24.43
C VAL A 229 -9.65 -7.05 -23.03
N ARG A 230 -9.24 -7.88 -22.06
CA ARG A 230 -9.43 -7.56 -20.65
C ARG A 230 -8.40 -6.54 -20.20
N GLY A 231 -8.86 -5.53 -19.45
CA GLY A 231 -7.95 -4.51 -19.00
C GLY A 231 -8.59 -3.53 -18.03
N ARG A 232 -7.82 -2.49 -17.72
CA ARG A 232 -8.27 -1.41 -16.85
C ARG A 232 -8.24 -0.09 -17.64
N GLN A 233 -9.41 0.54 -17.77
CA GLN A 233 -9.58 1.76 -18.55
C GLN A 233 -9.22 2.98 -17.71
N TYR A 234 -8.16 3.68 -18.10
CA TYR A 234 -7.80 5.01 -17.60
C TYR A 234 -8.09 6.05 -18.67
N PRO A 235 -8.21 7.34 -18.30
CA PRO A 235 -8.40 8.35 -19.34
C PRO A 235 -7.26 8.39 -20.35
N TRP A 236 -6.06 7.99 -19.97
CA TRP A 236 -4.89 8.05 -20.84
C TRP A 236 -4.60 6.72 -21.55
N GLY A 237 -5.35 5.67 -21.28
CA GLY A 237 -5.10 4.39 -21.92
C GLY A 237 -5.58 3.24 -21.08
N VAL A 238 -5.40 2.04 -21.63
CA VAL A 238 -5.86 0.78 -21.04
C VAL A 238 -4.66 -0.08 -20.70
N ALA A 239 -4.56 -0.49 -19.44
CA ALA A 239 -3.59 -1.53 -19.05
C ALA A 239 -4.21 -2.89 -19.34
N GLU A 240 -3.50 -3.75 -20.06
CA GLU A 240 -4.11 -4.97 -20.59
C GLU A 240 -3.63 -6.19 -19.82
N VAL A 241 -4.59 -6.91 -19.24
CA VAL A 241 -4.27 -8.02 -18.35
C VAL A 241 -3.42 -9.07 -19.05
N GLU A 242 -3.77 -9.43 -20.28
CA GLU A 242 -3.10 -10.52 -20.98
C GLU A 242 -1.97 -10.04 -21.89
N ASN A 243 -1.68 -8.74 -21.92
CA ASN A 243 -0.56 -8.23 -22.68
C ASN A 243 0.71 -8.37 -21.85
N GLY A 244 1.68 -9.14 -22.36
CA GLY A 244 2.89 -9.44 -21.62
C GLY A 244 3.87 -8.28 -21.51
N GLU A 245 3.74 -7.26 -22.36
CA GLU A 245 4.50 -6.05 -22.17
C GLU A 245 3.91 -5.15 -21.09
N HIS A 246 2.65 -5.39 -20.69
CA HIS A 246 2.03 -4.60 -19.65
C HIS A 246 2.18 -5.24 -18.28
N CYS A 247 2.14 -6.56 -18.18
CA CYS A 247 2.26 -7.23 -16.89
C CYS A 247 2.57 -8.71 -17.11
N ASP A 248 2.70 -9.42 -16.00
CA ASP A 248 3.10 -10.82 -16.00
C ASP A 248 1.94 -11.77 -15.71
N PHE A 249 0.70 -11.30 -15.86
CA PHE A 249 -0.46 -12.16 -15.60
C PHE A 249 -0.43 -13.43 -16.45
N THR A 250 -0.13 -13.31 -17.75
CA THR A 250 -0.17 -14.50 -18.59
C THR A 250 0.84 -15.55 -18.14
N ILE A 251 2.02 -15.10 -17.65
CA ILE A 251 2.98 -16.05 -17.09
C ILE A 251 2.40 -16.72 -15.85
N LEU A 252 1.83 -15.93 -14.93
CA LEU A 252 1.25 -16.53 -13.73
C LEU A 252 0.17 -17.54 -14.09
N ARG A 253 -0.70 -17.18 -15.03
CA ARG A 253 -1.80 -18.05 -15.42
C ARG A 253 -1.27 -19.37 -15.98
N ASN A 254 -0.27 -19.30 -16.86
CA ASN A 254 0.21 -20.52 -17.48
C ASN A 254 0.86 -21.43 -16.43
N MET A 255 1.56 -20.86 -15.47
CA MET A 255 2.18 -21.69 -14.45
C MET A 255 1.13 -22.36 -13.57
N LEU A 256 0.22 -21.58 -13.00
CA LEU A 256 -0.75 -22.13 -12.07
C LEU A 256 -1.73 -23.05 -12.78
N ILE A 257 -2.48 -22.52 -13.74
CA ILE A 257 -3.56 -23.26 -14.39
C ILE A 257 -3.03 -24.57 -14.94
N ARG A 258 -2.16 -24.51 -15.96
CA ARG A 258 -1.53 -25.70 -16.50
C ARG A 258 -0.90 -26.53 -15.38
N THR A 259 -0.79 -27.84 -15.61
CA THR A 259 -0.45 -28.73 -14.49
C THR A 259 1.02 -28.63 -14.08
N HIS A 260 1.52 -27.41 -13.89
CA HIS A 260 2.57 -27.15 -12.92
C HIS A 260 2.02 -27.16 -11.50
N MET A 261 0.70 -27.33 -11.37
CA MET A 261 0.09 -27.67 -10.09
C MET A 261 0.68 -28.94 -9.50
N GLN A 262 1.00 -29.93 -10.33
CA GLN A 262 1.51 -31.18 -9.79
C GLN A 262 2.86 -30.98 -9.13
N ASP A 263 3.75 -30.24 -9.78
CA ASP A 263 5.04 -29.94 -9.17
C ASP A 263 4.87 -29.24 -7.82
N LEU A 264 3.95 -28.27 -7.74
CA LEU A 264 3.68 -27.63 -6.46
C LEU A 264 3.17 -28.64 -5.44
N LYS A 265 2.33 -29.59 -5.88
CA LYS A 265 1.88 -30.67 -5.00
C LYS A 265 3.07 -31.50 -4.52
N ASP A 266 3.90 -31.95 -5.45
CA ASP A 266 5.01 -32.82 -5.09
C ASP A 266 5.94 -32.17 -4.08
N VAL A 267 6.26 -30.88 -4.27
CA VAL A 267 7.13 -30.20 -3.32
C VAL A 267 6.45 -30.10 -1.96
N THR A 268 5.14 -29.86 -1.95
CA THR A 268 4.42 -29.78 -0.69
C THR A 268 4.52 -31.09 0.10
N ASN A 269 4.28 -32.23 -0.56
CA ASN A 269 4.31 -33.50 0.13
C ASN A 269 5.74 -33.96 0.40
N ASN A 270 6.60 -33.90 -0.62
CA ASN A 270 7.93 -34.52 -0.51
C ASN A 270 8.91 -33.69 0.31
N VAL A 271 8.66 -32.40 0.50
CA VAL A 271 9.61 -31.54 1.18
C VAL A 271 8.98 -30.94 2.43
N HIS A 272 7.97 -30.10 2.24
CA HIS A 272 7.36 -29.40 3.37
C HIS A 272 6.72 -30.38 4.35
N TYR A 273 5.86 -31.27 3.86
CA TYR A 273 5.21 -32.22 4.76
C TYR A 273 6.24 -33.12 5.43
N GLU A 274 7.15 -33.69 4.66
CA GLU A 274 8.13 -34.63 5.22
C GLU A 274 9.03 -33.94 6.26
N ASN A 275 9.38 -32.68 6.03
CA ASN A 275 10.15 -31.93 7.01
C ASN A 275 9.35 -31.74 8.29
N TYR A 276 8.10 -31.30 8.18
CA TYR A 276 7.19 -31.35 9.33
C TYR A 276 7.24 -32.70 10.02
N ARG A 277 6.88 -33.76 9.28
CA ARG A 277 6.73 -35.10 9.85
C ARG A 277 7.98 -35.54 10.57
N SER A 278 9.14 -35.39 9.94
CA SER A 278 10.37 -35.74 10.61
C SER A 278 10.50 -35.03 11.95
N ARG A 279 10.24 -33.72 11.97
CA ARG A 279 10.37 -32.94 13.20
C ARG A 279 9.44 -33.47 14.30
N LYS A 280 8.16 -33.66 13.97
CA LYS A 280 7.23 -34.20 14.96
C LYS A 280 7.69 -35.57 15.49
N LEU A 281 8.06 -36.49 14.59
CA LEU A 281 8.36 -37.84 15.07
C LEU A 281 9.65 -37.88 15.88
N ALA A 282 10.68 -37.13 15.48
CA ALA A 282 11.96 -37.13 16.21
C ALA A 282 11.77 -36.72 17.67
N ALA A 283 10.77 -35.89 17.97
CA ALA A 283 10.50 -35.47 19.34
C ALA A 283 9.62 -36.46 20.09
N VAL A 284 9.68 -37.75 19.75
CA VAL A 284 8.95 -38.77 20.51
C VAL A 284 9.92 -39.77 21.14
N GLY B 15 9.13 38.93 2.82
CA GLY B 15 9.10 37.48 2.79
C GLY B 15 7.83 36.87 3.34
N PHE B 16 7.81 35.53 3.46
CA PHE B 16 6.65 34.80 3.94
C PHE B 16 7.09 33.40 4.35
N GLU B 17 6.66 32.96 5.53
CA GLU B 17 7.07 31.67 6.07
C GLU B 17 5.87 30.73 6.23
N PHE B 18 6.13 29.42 6.17
CA PHE B 18 5.08 28.42 6.24
C PHE B 18 5.67 27.05 6.61
N THR B 19 4.98 26.33 7.51
CA THR B 19 5.44 25.04 7.98
C THR B 19 4.43 23.98 7.55
N LEU B 20 4.87 23.08 6.67
CA LEU B 20 4.05 22.03 6.11
C LEU B 20 4.59 20.67 6.59
N MET B 21 3.69 19.84 7.12
CA MET B 21 4.04 18.51 7.61
C MET B 21 3.50 17.47 6.64
N VAL B 22 4.25 16.38 6.48
CA VAL B 22 3.89 15.29 5.56
C VAL B 22 3.83 14.00 6.36
N VAL B 23 2.70 13.29 6.28
CA VAL B 23 2.51 12.03 6.98
C VAL B 23 1.95 10.98 6.02
N GLY B 24 2.58 9.81 6.01
CA GLY B 24 1.97 8.65 5.39
C GLY B 24 2.95 7.50 5.31
N GLU B 25 2.41 6.34 4.91
CA GLU B 25 3.28 5.18 4.73
C GLU B 25 4.36 5.49 3.72
N SER B 26 5.48 4.81 3.89
CA SER B 26 6.54 4.79 2.90
C SER B 26 6.03 4.42 1.51
N GLY B 27 6.57 5.07 0.49
CA GLY B 27 6.31 4.65 -0.88
C GLY B 27 4.94 5.05 -1.41
N LEU B 28 4.34 6.11 -0.87
CA LEU B 28 3.07 6.59 -1.36
C LEU B 28 3.23 7.82 -2.24
N GLY B 29 4.45 8.10 -2.69
CA GLY B 29 4.72 9.24 -3.55
C GLY B 29 4.82 10.55 -2.83
N LYS B 30 5.16 10.55 -1.53
CA LYS B 30 5.18 11.80 -0.76
C LYS B 30 6.32 12.70 -1.21
N SER B 31 7.53 12.16 -1.32
CA SER B 31 8.67 12.94 -1.80
C SER B 31 8.42 13.49 -3.21
N THR B 32 7.89 12.65 -4.11
CA THR B 32 7.60 13.12 -5.46
C THR B 32 6.57 14.23 -5.47
N LEU B 33 5.53 14.11 -4.64
CA LEU B 33 4.53 15.16 -4.61
C LEU B 33 5.11 16.46 -4.10
N ILE B 34 5.94 16.39 -3.06
CA ILE B 34 6.54 17.62 -2.52
C ILE B 34 7.40 18.28 -3.60
N ASN B 35 8.27 17.50 -4.24
CA ASN B 35 9.07 18.00 -5.36
C ASN B 35 8.19 18.56 -6.48
N SER B 36 7.02 18.00 -6.69
CA SER B 36 6.16 18.49 -7.76
C SER B 36 5.50 19.80 -7.39
N LEU B 37 5.07 19.95 -6.13
CA LEU B 37 4.43 21.20 -5.72
C LEU B 37 5.39 22.37 -5.82
N PHE B 38 6.63 22.18 -5.36
CA PHE B 38 7.55 23.30 -5.18
C PHE B 38 8.71 23.29 -6.17
N LEU B 39 8.69 22.39 -7.14
CA LEU B 39 9.71 22.37 -8.20
C LEU B 39 11.10 22.18 -7.60
N THR B 40 11.21 21.25 -6.66
CA THR B 40 12.45 20.98 -5.95
C THR B 40 12.92 19.57 -6.25
N ASP B 41 14.17 19.29 -5.87
CA ASP B 41 14.72 17.94 -5.83
C ASP B 41 15.29 17.73 -4.42
N LEU B 42 14.39 17.56 -3.45
CA LEU B 42 14.72 17.71 -2.04
C LEU B 42 15.21 16.42 -1.38
N TYR B 43 14.95 15.26 -1.97
CA TYR B 43 15.14 13.98 -1.29
C TYR B 43 16.17 13.13 -2.02
N SER B 44 16.94 12.45 -1.27
CA SER B 44 18.01 11.53 -1.65
C SER B 44 17.47 10.11 -1.80
N PRO B 45 18.08 9.31 -2.66
CA PRO B 45 17.56 7.95 -2.88
C PRO B 45 17.77 7.07 -1.66
N GLU B 46 17.01 5.98 -1.62
CA GLU B 46 17.16 4.99 -0.56
C GLU B 46 18.47 4.23 -0.76
N TYR B 47 19.47 4.50 0.13
CA TYR B 47 20.76 3.84 0.06
C TYR B 47 20.83 2.68 1.04
N PRO B 48 21.55 1.60 0.69
CA PRO B 48 21.76 0.46 1.58
C PRO B 48 22.60 0.80 2.82
N SER B 51 22.06 -4.01 6.11
CA SER B 51 21.40 -3.18 5.10
C SER B 51 19.93 -3.57 4.90
N HIS B 52 19.34 -4.19 5.93
CA HIS B 52 17.94 -4.63 5.85
C HIS B 52 17.39 -5.01 7.21
N ARG B 53 16.25 -4.42 7.58
CA ARG B 53 15.48 -4.81 8.76
C ARG B 53 16.17 -4.42 10.08
N ILE B 54 15.88 -3.21 10.56
CA ILE B 54 16.06 -2.81 11.95
C ILE B 54 14.82 -1.98 12.34
N LYS B 55 14.13 -2.40 13.40
CA LYS B 55 12.73 -2.03 13.64
C LYS B 55 12.50 -0.52 13.52
N LYS B 56 11.47 -0.15 12.76
CA LYS B 56 11.27 1.23 12.33
C LYS B 56 10.39 2.01 13.30
N THR B 57 10.78 3.26 13.51
CA THR B 57 9.98 4.16 14.31
C THR B 57 9.83 5.48 13.55
N VAL B 58 8.90 6.29 14.02
CA VAL B 58 8.64 7.56 13.37
C VAL B 58 9.72 8.54 13.80
N GLN B 59 10.48 9.04 12.82
CA GLN B 59 11.52 10.01 13.05
C GLN B 59 11.11 11.33 12.39
N VAL B 60 11.17 12.42 13.14
CA VAL B 60 10.80 13.73 12.60
C VAL B 60 12.01 14.32 11.92
N GLU B 61 11.83 14.78 10.68
CA GLU B 61 12.90 15.39 9.89
C GLU B 61 12.41 16.71 9.32
N GLN B 62 13.26 17.72 9.40
CA GLN B 62 12.95 19.06 8.92
C GLN B 62 13.84 19.42 7.75
N SER B 63 13.24 19.98 6.71
CA SER B 63 13.95 20.63 5.62
C SER B 63 13.52 22.09 5.56
N LYS B 64 14.46 22.97 5.25
CA LYS B 64 14.15 24.36 4.96
C LYS B 64 14.30 24.56 3.45
N VAL B 65 13.22 25.04 2.81
CA VAL B 65 13.22 25.32 1.38
C VAL B 65 13.04 26.82 1.23
N LEU B 66 14.08 27.49 0.75
CA LEU B 66 14.07 28.92 0.55
C LEU B 66 13.95 29.18 -0.95
N ILE B 67 12.78 29.62 -1.38
CA ILE B 67 12.48 29.80 -2.80
C ILE B 67 12.42 31.30 -3.06
N LYS B 68 13.40 31.81 -3.81
CA LYS B 68 13.49 33.22 -4.12
C LYS B 68 13.01 33.44 -5.56
N GLU B 69 12.02 34.31 -5.71
CA GLU B 69 11.48 34.66 -7.02
C GLU B 69 11.61 36.15 -7.29
N GLY B 70 12.73 36.74 -6.87
CA GLY B 70 13.00 38.15 -7.15
C GLY B 70 12.60 39.12 -6.07
N GLY B 71 12.43 38.66 -4.83
CA GLY B 71 11.94 39.51 -3.76
C GLY B 71 10.78 38.89 -3.01
N VAL B 72 9.83 38.31 -3.75
CA VAL B 72 8.73 37.56 -3.14
C VAL B 72 9.24 36.17 -2.81
N GLN B 73 10.04 36.07 -1.76
CA GLN B 73 10.69 34.83 -1.38
C GLN B 73 9.88 34.12 -0.30
N LEU B 74 9.74 32.80 -0.45
CA LEU B 74 9.02 31.95 0.48
C LEU B 74 10.02 31.11 1.28
N LEU B 75 9.86 31.09 2.59
CA LEU B 75 10.67 30.25 3.46
C LEU B 75 9.77 29.14 4.00
N LEU B 76 10.00 27.92 3.52
CA LEU B 76 9.12 26.79 3.77
C LEU B 76 9.84 25.74 4.59
N THR B 77 9.22 25.30 5.67
CA THR B 77 9.74 24.21 6.49
C THR B 77 8.89 22.99 6.18
N ILE B 78 9.51 21.92 5.70
CA ILE B 78 8.83 20.65 5.43
C ILE B 78 9.18 19.73 6.58
N VAL B 79 8.17 19.31 7.34
CA VAL B 79 8.36 18.39 8.45
C VAL B 79 7.90 17.01 7.97
N ASP B 80 8.86 16.14 7.71
CA ASP B 80 8.62 14.77 7.31
C ASP B 80 8.67 13.86 8.53
N THR B 81 8.05 12.69 8.37
CA THR B 81 7.89 11.73 9.45
C THR B 81 8.16 10.30 8.95
N PRO B 82 9.34 10.03 8.41
CA PRO B 82 9.62 8.66 7.92
C PRO B 82 9.51 7.63 9.03
N GLY B 83 8.97 6.48 8.68
CA GLY B 83 8.67 5.43 9.62
C GLY B 83 7.19 5.31 9.94
N PHE B 84 6.41 6.36 9.68
CA PHE B 84 5.01 6.32 10.04
C PHE B 84 4.30 5.18 9.28
N GLY B 85 3.71 4.26 10.03
CA GLY B 85 2.90 3.23 9.41
C GLY B 85 3.68 2.12 8.72
N ASP B 86 4.99 2.06 8.94
CA ASP B 86 5.87 1.18 8.19
C ASP B 86 6.28 -0.06 8.98
N ALA B 87 6.10 -0.10 10.29
CA ALA B 87 6.49 -1.28 11.07
C ALA B 87 5.40 -2.36 11.03
N VAL B 88 5.77 -3.56 11.47
CA VAL B 88 4.76 -4.58 11.70
C VAL B 88 3.78 -4.12 12.76
N ASP B 89 4.28 -3.53 13.84
CA ASP B 89 3.45 -3.00 14.93
C ASP B 89 3.52 -1.48 14.90
N ASN B 90 2.45 -0.82 14.45
CA ASN B 90 2.43 0.63 14.36
C ASN B 90 1.68 1.28 15.52
N SER B 91 1.48 0.56 16.63
CA SER B 91 0.85 1.11 17.82
C SER B 91 1.48 2.45 18.22
N ASN B 92 0.62 3.43 18.49
CA ASN B 92 1.02 4.75 18.96
C ASN B 92 1.98 5.47 18.02
N CYS B 93 2.01 5.11 16.73
CA CYS B 93 2.90 5.82 15.83
C CYS B 93 2.46 7.26 15.58
N TRP B 94 1.22 7.60 15.94
CA TRP B 94 0.81 9.01 15.93
C TRP B 94 1.51 9.81 17.02
N GLN B 95 1.90 9.15 18.11
CA GLN B 95 2.35 9.91 19.27
C GLN B 95 3.58 10.77 19.00
N PRO B 96 4.58 10.35 18.22
CA PRO B 96 5.68 11.28 17.93
C PRO B 96 5.25 12.49 17.12
N VAL B 97 4.16 12.36 16.35
CA VAL B 97 3.64 13.48 15.58
C VAL B 97 2.89 14.44 16.49
N ILE B 98 2.08 13.93 17.42
CA ILE B 98 1.49 14.75 18.46
C ILE B 98 2.57 15.47 19.26
N ASP B 99 3.59 14.73 19.71
CA ASP B 99 4.63 15.35 20.54
C ASP B 99 5.28 16.53 19.83
N TYR B 100 5.60 16.38 18.54
CA TYR B 100 6.25 17.47 17.81
C TYR B 100 5.33 18.68 17.72
N ILE B 101 4.07 18.45 17.33
CA ILE B 101 3.14 19.54 17.14
C ILE B 101 2.87 20.25 18.46
N ASP B 102 2.58 19.49 19.51
CA ASP B 102 2.25 20.12 20.78
C ASP B 102 3.46 20.80 21.39
N SER B 103 4.67 20.30 21.12
CA SER B 103 5.86 20.99 21.63
C SER B 103 6.01 22.36 20.99
N LYS B 104 5.62 22.51 19.72
CA LYS B 104 5.70 23.83 19.09
C LYS B 104 4.68 24.78 19.71
N PHE B 105 3.46 24.30 19.99
CA PHE B 105 2.52 25.09 20.77
C PHE B 105 3.11 25.50 22.11
N GLU B 106 3.75 24.57 22.83
CA GLU B 106 4.33 24.88 24.13
C GLU B 106 5.43 25.94 24.01
N ASP B 107 6.29 25.79 22.98
CA ASP B 107 7.34 26.79 22.77
C ASP B 107 6.73 28.16 22.56
N TYR B 108 5.69 28.23 21.71
CA TYR B 108 5.01 29.50 21.46
C TYR B 108 4.38 30.04 22.74
N LEU B 109 3.69 29.18 23.50
CA LEU B 109 3.07 29.67 24.73
C LEU B 109 4.12 30.21 25.69
N ASN B 110 5.27 29.53 25.83
CA ASN B 110 6.28 30.06 26.73
C ASN B 110 6.88 31.37 26.21
N ALA B 111 7.10 31.47 24.90
CA ALA B 111 7.71 32.68 24.35
C ALA B 111 6.81 33.90 24.55
N GLU B 112 5.51 33.76 24.28
CA GLU B 112 4.61 34.92 24.45
C GLU B 112 4.27 35.20 25.90
N SER B 113 4.65 34.32 26.82
CA SER B 113 4.44 34.58 28.23
C SER B 113 5.58 35.33 28.89
N ARG B 114 6.72 35.48 28.21
CA ARG B 114 7.85 36.16 28.77
C ARG B 114 7.55 37.64 29.01
N VAL B 115 8.24 38.21 30.01
CA VAL B 115 8.17 39.65 30.23
C VAL B 115 8.66 40.40 29.00
N ASN B 116 9.80 39.99 28.44
CA ASN B 116 10.37 40.62 27.25
C ASN B 116 10.25 39.64 26.10
N ARG B 117 9.12 39.71 25.40
CA ARG B 117 8.81 38.75 24.34
C ARG B 117 9.04 39.30 22.94
N ARG B 118 10.12 40.04 22.75
CA ARG B 118 10.35 40.72 21.47
C ARG B 118 10.56 39.72 20.33
N GLN B 119 11.48 38.77 20.50
CA GLN B 119 11.92 37.93 19.39
C GLN B 119 10.78 37.17 18.70
N MET B 120 10.22 36.16 19.37
CA MET B 120 9.02 35.45 18.95
C MET B 120 9.22 34.57 17.71
N PRO B 121 9.84 33.40 17.85
CA PRO B 121 9.85 32.42 16.76
C PRO B 121 8.58 31.58 16.71
N ASP B 122 8.09 31.34 15.49
CA ASP B 122 6.82 30.65 15.25
C ASP B 122 7.10 29.39 14.44
N ASN B 123 7.16 28.24 15.12
CA ASN B 123 7.42 26.99 14.44
C ASN B 123 6.22 26.06 14.45
N ARG B 124 5.04 26.57 14.82
CA ARG B 124 3.84 25.75 14.84
C ARG B 124 3.52 25.19 13.45
N VAL B 125 3.01 23.96 13.43
CA VAL B 125 2.75 23.27 12.18
C VAL B 125 1.40 23.75 11.65
N GLN B 126 1.40 24.27 10.43
CA GLN B 126 0.26 25.00 9.89
C GLN B 126 -0.57 24.20 8.90
N CYS B 127 -0.08 23.02 8.52
CA CYS B 127 -0.78 22.16 7.58
C CYS B 127 -0.13 20.80 7.65
N CYS B 128 -0.95 19.75 7.55
CA CYS B 128 -0.50 18.36 7.55
C CYS B 128 -1.14 17.66 6.37
N LEU B 129 -0.31 17.23 5.42
CA LEU B 129 -0.76 16.40 4.32
C LEU B 129 -0.73 14.94 4.79
N TYR B 130 -1.88 14.28 4.79
CA TYR B 130 -1.97 12.86 5.15
C TYR B 130 -2.29 12.04 3.92
N PHE B 131 -1.38 11.15 3.53
CA PHE B 131 -1.48 10.39 2.30
C PHE B 131 -2.21 9.07 2.56
N ILE B 132 -3.30 8.85 1.85
CA ILE B 132 -4.09 7.64 1.95
C ILE B 132 -3.69 6.73 0.82
N ALA B 133 -3.37 5.47 1.13
CA ALA B 133 -3.02 4.51 0.08
C ALA B 133 -4.23 4.22 -0.80
N PRO B 134 -4.05 4.21 -2.22
CA PRO B 134 -5.23 4.02 -3.10
C PRO B 134 -5.67 2.56 -3.19
N SER B 135 -6.23 2.05 -2.09
CA SER B 135 -6.69 0.66 -2.10
C SER B 135 -7.95 0.51 -2.94
N GLY B 136 -8.81 1.53 -2.93
CA GLY B 136 -10.10 1.45 -3.57
C GLY B 136 -11.21 0.92 -2.71
N HIS B 137 -10.95 0.67 -1.42
CA HIS B 137 -11.99 0.21 -0.52
C HIS B 137 -12.40 1.36 0.39
N GLY B 138 -11.67 1.56 1.47
CA GLY B 138 -11.93 2.68 2.34
C GLY B 138 -10.68 3.08 3.07
N LEU B 139 -10.87 3.75 4.19
CA LEU B 139 -9.75 4.10 5.07
C LEU B 139 -9.25 2.86 5.81
N LYS B 140 -7.93 2.78 5.98
CA LYS B 140 -7.34 1.78 6.83
C LYS B 140 -7.56 2.15 8.30
N PRO B 141 -7.57 1.18 9.20
CA PRO B 141 -7.65 1.53 10.64
C PRO B 141 -6.64 2.60 11.07
N LEU B 142 -5.40 2.54 10.55
CA LEU B 142 -4.40 3.54 10.92
C LEU B 142 -4.78 4.93 10.41
N ASP B 143 -5.39 5.03 9.22
CA ASP B 143 -5.83 6.33 8.72
C ASP B 143 -6.84 6.96 9.67
N ILE B 144 -7.81 6.18 10.13
CA ILE B 144 -8.82 6.69 11.05
C ILE B 144 -8.19 7.14 12.36
N GLU B 145 -7.31 6.29 12.93
CA GLU B 145 -6.70 6.62 14.21
C GLU B 145 -5.86 7.89 14.12
N PHE B 146 -5.07 8.05 13.05
CA PHE B 146 -4.22 9.23 12.95
C PHE B 146 -5.05 10.50 12.84
N MET B 147 -6.06 10.50 11.95
CA MET B 147 -6.84 11.71 11.74
C MET B 147 -7.72 12.03 12.95
N LYS B 148 -8.28 10.99 13.58
CA LYS B 148 -9.10 11.23 14.77
C LYS B 148 -8.28 11.78 15.93
N ARG B 149 -6.99 11.46 15.99
CA ARG B 149 -6.17 11.87 17.12
C ARG B 149 -5.43 13.18 16.87
N LEU B 150 -5.42 13.68 15.64
CA LEU B 150 -4.68 14.88 15.30
C LEU B 150 -5.53 16.02 14.79
N HIS B 151 -6.81 15.77 14.44
CA HIS B 151 -7.61 16.75 13.71
C HIS B 151 -7.83 18.05 14.49
N GLU B 152 -7.70 18.06 15.82
CA GLU B 152 -7.82 19.29 16.61
C GLU B 152 -6.47 19.87 17.00
N LYS B 153 -5.38 19.31 16.48
CA LYS B 153 -4.06 19.83 16.75
C LYS B 153 -3.41 20.47 15.53
N VAL B 154 -3.90 20.18 14.33
CA VAL B 154 -3.25 20.61 13.10
C VAL B 154 -4.30 20.55 11.99
N ASN B 155 -4.11 21.37 10.98
CA ASN B 155 -4.95 21.35 9.78
C ASN B 155 -4.58 20.12 8.94
N ILE B 156 -5.49 19.17 8.84
CA ILE B 156 -5.23 17.94 8.09
C ILE B 156 -5.81 18.08 6.68
N ILE B 157 -4.95 17.94 5.67
CA ILE B 157 -5.43 17.76 4.30
C ILE B 157 -5.20 16.30 3.89
N PRO B 158 -6.24 15.50 3.86
CA PRO B 158 -6.07 14.11 3.43
C PRO B 158 -5.94 14.06 1.91
N LEU B 159 -5.04 13.20 1.42
CA LEU B 159 -4.82 13.05 0.00
C LEU B 159 -4.90 11.58 -0.39
N ILE B 160 -5.61 11.30 -1.47
CA ILE B 160 -5.50 9.98 -2.09
C ILE B 160 -4.19 9.95 -2.89
N ALA B 161 -3.25 9.16 -2.43
CA ALA B 161 -1.95 9.01 -3.06
C ALA B 161 -2.03 8.19 -4.36
N LYS B 162 -1.04 8.39 -5.23
CA LYS B 162 -0.85 7.61 -6.46
C LYS B 162 -2.17 7.40 -7.20
N ALA B 163 -2.89 8.50 -7.43
CA ALA B 163 -4.25 8.39 -7.93
C ALA B 163 -4.33 7.83 -9.35
N ASP B 164 -3.20 7.68 -10.04
CA ASP B 164 -3.23 7.01 -11.33
C ASP B 164 -3.41 5.50 -11.20
N THR B 165 -3.58 4.99 -10.00
CA THR B 165 -3.89 3.59 -9.80
C THR B 165 -5.39 3.34 -9.74
N LEU B 166 -6.22 4.39 -9.79
CA LEU B 166 -7.67 4.26 -9.76
C LEU B 166 -8.25 4.67 -11.11
N THR B 167 -9.17 3.86 -11.65
CA THR B 167 -9.99 4.33 -12.75
C THR B 167 -10.91 5.44 -12.22
N PRO B 168 -11.49 6.25 -13.11
CA PRO B 168 -12.36 7.32 -12.60
C PRO B 168 -13.52 6.80 -11.76
N GLU B 169 -14.15 5.69 -12.16
CA GLU B 169 -15.24 5.14 -11.35
C GLU B 169 -14.71 4.65 -9.99
N GLU B 170 -13.57 3.96 -9.97
CA GLU B 170 -13.00 3.52 -8.71
C GLU B 170 -12.65 4.71 -7.82
N CYS B 171 -12.06 5.76 -8.40
CA CYS B 171 -11.71 6.94 -7.63
C CYS B 171 -12.94 7.59 -7.01
N GLN B 172 -13.99 7.76 -7.80
CA GLN B 172 -15.22 8.40 -7.31
C GLN B 172 -15.80 7.62 -6.14
N GLN B 173 -15.90 6.30 -6.28
CA GLN B 173 -16.46 5.49 -5.20
C GLN B 173 -15.57 5.56 -3.96
N PHE B 174 -14.26 5.63 -4.17
CA PHE B 174 -13.31 5.67 -3.06
C PHE B 174 -13.38 7.01 -2.33
N LYS B 175 -13.42 8.13 -3.08
CA LYS B 175 -13.65 9.44 -2.46
C LYS B 175 -14.91 9.43 -1.61
N LYS B 176 -16.03 8.96 -2.17
CA LYS B 176 -17.29 8.97 -1.43
C LYS B 176 -17.19 8.12 -0.15
N GLN B 177 -16.59 6.94 -0.26
CA GLN B 177 -16.49 6.07 0.91
C GLN B 177 -15.66 6.72 2.01
N ILE B 178 -14.52 7.33 1.64
CA ILE B 178 -13.66 8.00 2.61
C ILE B 178 -14.41 9.13 3.31
N MET B 179 -15.08 10.00 2.53
CA MET B 179 -15.83 11.08 3.16
C MET B 179 -16.91 10.52 4.07
N LYS B 180 -17.49 9.39 3.70
CA LYS B 180 -18.49 8.77 4.56
C LYS B 180 -17.88 8.39 5.91
N GLU B 181 -16.65 7.89 5.89
CA GLU B 181 -16.01 7.46 7.12
C GLU B 181 -15.53 8.63 7.97
N ILE B 182 -15.02 9.68 7.32
CA ILE B 182 -14.66 10.91 8.04
C ILE B 182 -15.86 11.48 8.80
N GLN B 183 -17.04 11.47 8.18
CA GLN B 183 -18.23 11.90 8.90
C GLN B 183 -18.60 10.94 10.02
N GLU B 184 -18.59 9.63 9.73
CA GLU B 184 -18.96 8.65 10.76
C GLU B 184 -18.11 8.78 12.01
N HIS B 185 -16.82 9.06 11.85
CA HIS B 185 -15.91 9.15 12.97
C HIS B 185 -15.76 10.58 13.49
N LYS B 186 -16.57 11.51 13.00
CA LYS B 186 -16.57 12.90 13.46
C LYS B 186 -15.17 13.50 13.37
N ILE B 187 -14.52 13.25 12.23
CA ILE B 187 -13.19 13.75 11.95
C ILE B 187 -13.32 15.12 11.28
N LYS B 188 -12.58 16.10 11.77
CA LYS B 188 -12.67 17.47 11.24
C LYS B 188 -11.41 17.77 10.45
N ILE B 189 -11.49 17.60 9.13
CA ILE B 189 -10.37 17.93 8.27
C ILE B 189 -10.42 19.43 7.98
N TYR B 190 -9.37 19.98 7.40
CA TYR B 190 -9.37 21.40 7.07
C TYR B 190 -10.36 21.70 5.95
N GLU B 191 -11.16 22.76 6.12
CA GLU B 191 -12.11 23.21 5.11
C GLU B 191 -11.78 24.63 4.66
N PHE B 192 -11.87 24.87 3.36
CA PHE B 192 -11.64 26.21 2.80
C PHE B 192 -12.70 27.21 3.28
N LYS B 206 -17.84 22.65 -6.63
CA LYS B 206 -16.86 23.34 -5.80
C LYS B 206 -15.76 22.37 -5.43
N ILE B 207 -14.72 22.86 -4.75
CA ILE B 207 -13.60 22.00 -4.37
C ILE B 207 -14.04 20.97 -3.34
N LYS B 208 -14.98 21.33 -2.46
CA LYS B 208 -15.49 20.37 -1.49
C LYS B 208 -16.23 19.23 -2.15
N ASP B 209 -16.67 19.39 -3.39
CA ASP B 209 -17.44 18.34 -4.04
C ASP B 209 -16.58 17.13 -4.40
N ARG B 210 -15.26 17.27 -4.42
CA ARG B 210 -14.38 16.20 -4.90
C ARG B 210 -13.29 15.88 -3.87
N LEU B 211 -13.66 15.86 -2.60
CA LEU B 211 -12.73 15.51 -1.53
C LEU B 211 -12.79 13.99 -1.30
N PRO B 212 -11.67 13.42 -0.84
CA PRO B 212 -10.39 14.09 -0.65
C PRO B 212 -9.66 14.20 -1.98
N LEU B 213 -8.74 15.16 -2.07
CA LEU B 213 -8.02 15.39 -3.32
C LEU B 213 -7.20 14.15 -3.65
N ALA B 214 -7.29 13.72 -4.90
CA ALA B 214 -6.56 12.58 -5.39
C ALA B 214 -5.44 13.09 -6.30
N VAL B 215 -4.20 12.86 -5.90
CA VAL B 215 -3.06 13.50 -6.53
C VAL B 215 -2.20 12.50 -7.27
N VAL B 216 -1.50 13.02 -8.27
CA VAL B 216 -0.44 12.33 -8.97
C VAL B 216 0.74 13.29 -8.97
N GLY B 217 1.92 12.75 -8.83
CA GLY B 217 3.14 13.56 -8.82
C GLY B 217 4.15 12.98 -9.77
N SER B 218 5.04 13.84 -10.27
CA SER B 218 6.07 13.51 -11.22
C SER B 218 6.75 14.79 -11.67
N ASN B 219 8.07 14.83 -11.61
CA ASN B 219 8.81 15.88 -12.29
C ASN B 219 9.34 15.43 -13.64
N THR B 220 8.94 14.25 -14.12
CA THR B 220 9.40 13.76 -15.41
C THR B 220 8.65 14.47 -16.52
N ILE B 221 9.38 15.03 -17.48
CA ILE B 221 8.79 15.68 -18.64
C ILE B 221 8.74 14.68 -19.80
N ILE B 222 7.56 14.51 -20.39
CA ILE B 222 7.42 13.73 -21.62
C ILE B 222 6.49 14.46 -22.57
N GLU B 223 6.75 14.31 -23.86
CA GLU B 223 5.92 14.97 -24.87
C GLU B 223 4.69 14.12 -25.12
N VAL B 224 3.51 14.69 -24.84
CA VAL B 224 2.24 14.09 -25.21
C VAL B 224 1.60 15.01 -26.24
N ASN B 225 1.45 14.49 -27.46
CA ASN B 225 1.12 15.29 -28.65
C ASN B 225 2.30 16.23 -28.87
N GLY B 226 2.08 17.52 -29.06
CA GLY B 226 3.18 18.43 -29.28
C GLY B 226 3.63 19.17 -28.04
N LYS B 227 2.92 19.00 -26.93
CA LYS B 227 3.17 19.73 -25.70
C LYS B 227 3.96 18.86 -24.72
N ARG B 228 4.99 19.46 -24.12
CA ARG B 228 5.79 18.80 -23.10
C ARG B 228 5.14 19.04 -21.74
N VAL B 229 4.77 17.95 -21.06
CA VAL B 229 4.09 18.04 -19.77
C VAL B 229 4.73 17.04 -18.80
N ARG B 230 4.61 17.35 -17.51
CA ARG B 230 5.08 16.38 -16.53
C ARG B 230 4.00 15.34 -16.25
N GLY B 231 4.45 14.11 -16.06
CA GLY B 231 3.55 13.02 -15.82
C GLY B 231 4.29 11.70 -15.85
N ARG B 232 3.52 10.63 -15.83
CA ARG B 232 4.06 9.30 -15.64
C ARG B 232 3.83 8.50 -16.91
N GLN B 233 4.91 8.00 -17.50
CA GLN B 233 4.87 7.29 -18.77
C GLN B 233 4.67 5.80 -18.53
N TYR B 234 3.54 5.27 -18.99
CA TYR B 234 3.25 3.85 -19.09
C TYR B 234 3.23 3.42 -20.55
N PRO B 235 3.41 2.13 -20.84
CA PRO B 235 3.28 1.67 -22.24
C PRO B 235 1.99 2.10 -22.92
N TRP B 236 0.87 2.16 -22.18
CA TRP B 236 -0.45 2.42 -22.73
C TRP B 236 -0.88 3.88 -22.64
N GLY B 237 -0.01 4.78 -22.19
CA GLY B 237 -0.39 6.18 -22.06
C GLY B 237 0.35 6.87 -20.93
N VAL B 238 -0.04 8.12 -20.69
CA VAL B 238 0.67 9.05 -19.82
C VAL B 238 -0.32 9.72 -18.87
N ALA B 239 -0.19 9.42 -17.57
CA ALA B 239 -0.94 10.17 -16.55
C ALA B 239 -0.29 11.54 -16.36
N GLU B 240 -1.07 12.61 -16.55
CA GLU B 240 -0.53 13.97 -16.58
C GLU B 240 -0.82 14.68 -15.27
N VAL B 241 0.25 15.13 -14.61
CA VAL B 241 0.14 15.76 -13.30
C VAL B 241 -0.78 16.98 -13.35
N GLU B 242 -0.60 17.84 -14.35
CA GLU B 242 -1.31 19.12 -14.39
C GLU B 242 -2.60 19.07 -15.19
N ASN B 243 -3.09 17.87 -15.51
CA ASN B 243 -4.38 17.68 -16.18
C ASN B 243 -5.44 17.44 -15.12
N GLY B 244 -6.36 18.39 -14.98
CA GLY B 244 -7.41 18.28 -13.98
C GLY B 244 -8.33 17.10 -14.18
N GLU B 245 -8.36 16.52 -15.37
CA GLU B 245 -9.16 15.33 -15.61
C GLU B 245 -8.44 14.05 -15.20
N HIS B 246 -7.12 14.11 -14.97
CA HIS B 246 -6.35 12.96 -14.52
C HIS B 246 -6.16 12.93 -13.01
N CYS B 247 -6.03 14.08 -12.37
CA CYS B 247 -5.84 14.13 -10.93
C CYS B 247 -6.11 15.55 -10.45
N ASP B 248 -6.04 15.74 -9.14
CA ASP B 248 -6.36 17.00 -8.49
C ASP B 248 -5.12 17.75 -8.05
N PHE B 249 -3.96 17.40 -8.62
CA PHE B 249 -2.71 18.09 -8.28
C PHE B 249 -2.86 19.61 -8.41
N THR B 250 -3.38 20.08 -9.55
CA THR B 250 -3.48 21.52 -9.78
C THR B 250 -4.33 22.20 -8.71
N ILE B 251 -5.41 21.54 -8.29
CA ILE B 251 -6.23 22.09 -7.20
C ILE B 251 -5.39 22.24 -5.95
N LEU B 252 -4.59 21.22 -5.62
CA LEU B 252 -3.82 21.26 -4.38
C LEU B 252 -2.74 22.32 -4.45
N ARG B 253 -1.99 22.38 -5.55
CA ARG B 253 -0.93 23.40 -5.67
C ARG B 253 -1.51 24.80 -5.52
N ASN B 254 -2.62 25.08 -6.20
CA ASN B 254 -3.24 26.39 -6.08
C ASN B 254 -3.73 26.67 -4.67
N MET B 255 -4.17 25.64 -3.96
CA MET B 255 -4.59 25.81 -2.58
C MET B 255 -3.41 26.14 -1.65
N LEU B 256 -2.18 25.88 -2.08
CA LEU B 256 -1.03 26.12 -1.21
C LEU B 256 -0.19 27.28 -1.74
N ILE B 257 -0.84 28.42 -2.02
CA ILE B 257 -0.15 29.67 -2.36
C ILE B 257 -0.31 30.66 -1.22
N ARG B 258 0.26 31.87 -1.37
CA ARG B 258 0.42 32.79 -0.25
C ARG B 258 -0.91 33.15 0.41
N THR B 259 -1.98 33.30 -0.39
CA THR B 259 -3.26 33.74 0.18
C THR B 259 -3.94 32.61 0.95
N HIS B 260 -3.93 31.40 0.40
CA HIS B 260 -4.54 30.27 1.09
C HIS B 260 -3.64 29.71 2.18
N MET B 261 -2.33 29.92 2.07
CA MET B 261 -1.47 29.61 3.22
C MET B 261 -1.87 30.44 4.43
N GLN B 262 -2.31 31.69 4.20
CA GLN B 262 -2.58 32.60 5.32
C GLN B 262 -3.74 32.08 6.18
N ASP B 263 -4.82 31.59 5.53
CA ASP B 263 -5.93 31.03 6.29
C ASP B 263 -5.51 29.77 7.05
N LEU B 264 -4.63 28.98 6.47
CA LEU B 264 -4.09 27.84 7.21
C LEU B 264 -3.32 28.30 8.44
N LYS B 265 -2.53 29.39 8.29
CA LYS B 265 -1.83 29.96 9.44
C LYS B 265 -2.81 30.49 10.48
N ASP B 266 -3.89 31.13 10.04
CA ASP B 266 -4.82 31.75 10.96
C ASP B 266 -5.57 30.72 11.80
N VAL B 267 -5.96 29.58 11.19
CA VAL B 267 -6.66 28.55 11.95
C VAL B 267 -5.72 27.85 12.92
N THR B 268 -4.48 27.59 12.48
CA THR B 268 -3.46 27.08 13.40
C THR B 268 -3.37 27.95 14.64
N ASN B 269 -3.37 29.27 14.46
CA ASN B 269 -3.15 30.20 15.54
C ASN B 269 -4.40 30.39 16.40
N ASN B 270 -5.50 30.81 15.77
CA ASN B 270 -6.69 31.18 16.51
C ASN B 270 -7.54 29.98 16.94
N VAL B 271 -7.27 28.78 16.44
CA VAL B 271 -8.08 27.63 16.83
C VAL B 271 -7.20 26.60 17.54
N HIS B 272 -6.26 26.01 16.82
CA HIS B 272 -5.52 24.90 17.41
C HIS B 272 -4.64 25.37 18.55
N TYR B 273 -3.87 26.44 18.33
CA TYR B 273 -3.02 26.97 19.38
C TYR B 273 -3.83 27.47 20.57
N GLU B 274 -4.91 28.22 20.32
CA GLU B 274 -5.68 28.77 21.43
C GLU B 274 -6.35 27.66 22.23
N ASN B 275 -6.89 26.65 21.54
CA ASN B 275 -7.44 25.50 22.24
C ASN B 275 -6.41 24.83 23.12
N TYR B 276 -5.20 24.59 22.57
CA TYR B 276 -4.12 24.04 23.37
C TYR B 276 -3.80 24.97 24.53
N ARG B 277 -3.68 26.27 24.25
CA ARG B 277 -3.32 27.22 25.30
C ARG B 277 -4.37 27.23 26.41
N SER B 278 -5.65 27.29 26.03
CA SER B 278 -6.69 27.32 27.05
C SER B 278 -6.69 26.06 27.88
N ARG B 279 -6.41 24.91 27.26
CA ARG B 279 -6.40 23.65 27.98
C ARG B 279 -5.27 23.60 29.00
N LYS B 280 -4.07 24.02 28.61
CA LYS B 280 -2.94 23.94 29.52
C LYS B 280 -3.09 24.93 30.66
N LEU B 281 -3.56 26.14 30.36
CA LEU B 281 -3.67 27.17 31.39
C LEU B 281 -4.80 26.91 32.37
N ALA B 282 -5.87 26.23 31.93
CA ALA B 282 -6.99 26.00 32.84
C ALA B 282 -6.61 25.06 33.97
N ALA B 283 -5.64 24.17 33.75
CA ALA B 283 -5.27 23.14 34.70
C ALA B 283 -4.70 23.72 35.99
PB GDP C . -8.55 -7.29 -2.47
O1B GDP C . -7.10 -7.66 -2.22
O2B GDP C . -9.41 -8.50 -2.82
O3B GDP C . -9.08 -6.56 -1.26
O3A GDP C . -8.55 -6.34 -3.75
PA GDP C . -9.82 -6.25 -4.73
O1A GDP C . -9.75 -7.37 -5.73
O2A GDP C . -11.10 -6.19 -3.96
O5' GDP C . -9.53 -4.87 -5.49
C5' GDP C . -9.61 -3.61 -4.78
C4' GDP C . -9.61 -2.46 -5.78
O4' GDP C . -8.43 -2.55 -6.58
C3' GDP C . -10.78 -2.57 -6.75
O3' GDP C . -11.29 -1.27 -7.04
C2' GDP C . -10.18 -3.13 -8.01
O2' GDP C . -10.90 -2.75 -9.19
C1' GDP C . -8.79 -2.54 -7.97
N9 GDP C . -7.89 -3.43 -8.67
C8 GDP C . -7.99 -4.77 -8.80
N7 GDP C . -6.94 -5.25 -9.52
C5 GDP C . -6.16 -4.20 -9.87
C6 GDP C . -4.89 -3.97 -10.59
O6 GDP C . -4.26 -4.92 -11.11
N1 GDP C . -4.43 -2.72 -10.68
C2 GDP C . -5.07 -1.67 -10.15
N2 GDP C . -4.57 -0.41 -10.29
N3 GDP C . -6.23 -1.81 -9.47
C4 GDP C . -6.79 -3.02 -9.29
MG MG D . -10.81 -9.49 -1.62
PB GDP E . 7.59 8.23 -0.66
O1B GDP E . 8.35 9.53 -0.45
O2B GDP E . 6.25 8.29 0.05
O3B GDP E . 8.34 7.05 -0.05
O3A GDP E . 7.36 8.07 -2.21
PA GDP E . 8.41 8.45 -3.36
O1A GDP E . 9.82 8.13 -2.96
O2A GDP E . 8.21 9.89 -3.77
O5' GDP E . 7.90 7.48 -4.56
C5' GDP E . 7.99 6.04 -4.48
C4' GDP E . 7.74 5.44 -5.87
O4' GDP E . 6.44 5.87 -6.28
C3' GDP E . 8.71 5.98 -6.90
O3' GDP E . 9.10 4.91 -7.78
C2' GDP E . 7.91 7.03 -7.66
O2' GDP E . 8.34 7.23 -9.04
C1' GDP E . 6.52 6.47 -7.58
N9 GDP E . 5.48 7.52 -7.63
C8 GDP E . 5.62 8.79 -7.22
N7 GDP E . 4.45 9.47 -7.39
C5 GDP E . 3.57 8.61 -7.93
C6 GDP E . 2.16 8.69 -8.38
O6 GDP E . 1.53 9.78 -8.28
N1 GDP E . 1.60 7.58 -8.89
C2 GDP E . 2.27 6.41 -9.01
N2 GDP E . 1.62 5.33 -9.54
N3 GDP E . 3.58 6.27 -8.63
C4 GDP E . 4.24 7.32 -8.08
MG MG F . 10.26 10.02 0.56
#